data_6WLX
#
_entry.id   6WLX
#
_cell.length_a   61.605
_cell.length_b   61.605
_cell.length_c   179.402
_cell.angle_alpha   90.000
_cell.angle_beta   90.000
_cell.angle_gamma   90.000
#
_symmetry.space_group_name_H-M   'P 41 21 2'
#
loop_
_entity.id
_entity.type
_entity.pdbx_description
1 polymer 'Serine/threonine-protein kinase PAK 4'
2 polymer 'Catenin beta-1'
3 water water
#
loop_
_entity_poly.entity_id
_entity_poly.type
_entity_poly.pdbx_seq_one_letter_code
_entity_poly.pdbx_strand_id
1 'polypeptide(L)'
;MGSSHHHHHHSSGLVPRGSHMENLYFQGARARQENGMPEKPPGPRSPQREPQRVSHEQFRAALQLVVDPGDPRSYLDNFI
KIGEGSTGIVCIATVRSSGKLVAVKKMDLRKQQRRELLFNEVVIMRDYQHENVVEMYNSYLVGDELWVVMEFLEGGALTD
IVTHTRMNEEQIAAVCLAVLQALSVLHAQGVIHRDIKSDSILLTHDGRVKLSDFGFCAQVSKEVPRRK(SEP)LVGTPYW
MAPELISRLPYGPEVDIWSLGIMVIEMVDGEPPYFNEPPLKAMKMIRDNLPPRLKNLHKVSPSLKGFLDRLLVRDPAQRA
TAAELLKHPFLAKAGPPASIVPLMRQNRTR
;
A
2 'polypeptide(L)' KKRLSVE B
#
# COMPACT_ATOMS: atom_id res chain seq x y z
N VAL A 54 21.42 -17.21 -7.58
CA VAL A 54 21.72 -16.44 -6.37
C VAL A 54 22.94 -15.56 -6.53
N SER A 55 23.50 -15.40 -7.72
CA SER A 55 24.63 -14.49 -7.82
CA SER A 55 24.63 -14.49 -7.87
C SER A 55 24.13 -13.06 -7.82
N HIS A 56 24.66 -12.28 -6.89
CA HIS A 56 24.32 -10.87 -6.84
C HIS A 56 24.62 -10.24 -8.19
N GLU A 57 25.83 -10.44 -8.70
CA GLU A 57 26.23 -9.82 -9.96
C GLU A 57 25.44 -10.39 -11.13
N GLN A 58 24.92 -11.62 -11.02
CA GLN A 58 24.00 -12.11 -12.04
C GLN A 58 22.68 -11.35 -11.99
N PHE A 59 22.20 -11.03 -10.79
CA PHE A 59 20.94 -10.32 -10.70
C PHE A 59 21.10 -8.86 -11.09
N ARG A 60 22.24 -8.23 -10.72
CA ARG A 60 22.51 -6.88 -11.23
C ARG A 60 22.42 -6.83 -12.75
N ALA A 61 22.98 -7.83 -13.43
CA ALA A 61 22.98 -7.83 -14.90
C ALA A 61 21.54 -7.88 -15.45
N ALA A 62 20.71 -8.76 -14.88
CA ALA A 62 19.32 -8.85 -15.30
C ALA A 62 18.59 -7.53 -15.11
N LEU A 63 18.65 -6.98 -13.90
CA LEU A 63 18.04 -5.70 -13.63
C LEU A 63 18.48 -4.66 -14.65
N GLN A 64 19.75 -4.71 -15.06
CA GLN A 64 20.25 -3.68 -15.95
C GLN A 64 19.54 -3.71 -17.28
N LEU A 65 19.08 -4.89 -17.71
CA LEU A 65 18.42 -4.99 -19.00
C LEU A 65 17.02 -4.39 -19.00
N VAL A 66 16.37 -4.30 -17.84
CA VAL A 66 15.00 -3.80 -17.81
C VAL A 66 14.87 -2.34 -17.34
N VAL A 67 15.89 -1.78 -16.68
CA VAL A 67 15.78 -0.42 -16.15
C VAL A 67 16.30 0.59 -17.16
N ASP A 68 16.02 1.87 -16.92
CA ASP A 68 16.54 2.90 -17.82
C ASP A 68 18.05 3.04 -17.65
N PRO A 69 18.75 3.45 -18.71
CA PRO A 69 20.20 3.61 -18.60
C PRO A 69 20.56 4.89 -17.86
N GLY A 70 21.67 4.81 -17.15
CA GLY A 70 22.28 5.99 -16.58
C GLY A 70 22.13 6.07 -15.08
N ASP A 71 22.38 7.27 -14.57
CA ASP A 71 22.45 7.54 -13.15
C ASP A 71 21.68 8.82 -12.90
N PRO A 72 20.63 8.79 -12.07
CA PRO A 72 19.81 10.00 -11.89
C PRO A 72 20.50 11.04 -11.03
N ARG A 73 21.63 10.72 -10.40
CA ARG A 73 22.38 11.74 -9.69
C ARG A 73 22.90 12.79 -10.64
N SER A 74 22.92 12.50 -11.94
CA SER A 74 23.32 13.47 -12.94
C SER A 74 22.28 14.56 -13.12
N TYR A 75 21.06 14.40 -12.62
CA TYR A 75 20.09 15.49 -12.69
C TYR A 75 19.35 15.73 -11.38
N LEU A 76 19.70 15.04 -10.30
CA LEU A 76 19.06 15.22 -8.99
C LEU A 76 20.07 15.74 -7.97
N ASP A 77 19.62 16.62 -7.09
CA ASP A 77 20.43 17.19 -6.01
C ASP A 77 19.78 16.97 -4.65
N ASN A 78 20.61 17.05 -3.59
CA ASN A 78 20.14 17.16 -2.21
C ASN A 78 19.23 15.99 -1.81
N PHE A 79 19.73 14.77 -1.98
CA PHE A 79 18.99 13.62 -1.47
C PHE A 79 18.81 13.74 0.05
N ILE A 80 17.58 13.55 0.52
CA ILE A 80 17.30 13.56 1.96
C ILE A 80 16.38 12.39 2.26
N LYS A 81 16.79 11.51 3.18
CA LYS A 81 15.97 10.36 3.52
C LYS A 81 14.71 10.79 4.25
N ILE A 82 13.55 10.33 3.78
CA ILE A 82 12.30 10.64 4.45
C ILE A 82 11.59 9.41 5.01
N GLY A 83 11.85 8.21 4.49
CA GLY A 83 11.09 7.07 4.97
C GLY A 83 11.85 5.79 4.79
N GLU A 84 11.33 4.74 5.38
CA GLU A 84 11.92 3.40 5.30
C GLU A 84 10.76 2.45 5.08
N GLY A 85 10.92 1.56 4.11
CA GLY A 85 9.84 0.63 3.81
C GLY A 85 10.29 -0.79 4.07
N SER A 86 9.56 -1.70 3.45
CA SER A 86 9.76 -3.15 3.57
C SER A 86 10.92 -3.57 2.69
N THR A 87 11.14 -2.87 1.58
CA THR A 87 12.19 -3.31 0.64
C THR A 87 13.33 -2.31 0.48
N GLY A 88 13.27 -1.15 1.12
CA GLY A 88 14.33 -0.18 0.95
C GLY A 88 13.99 1.12 1.66
N ILE A 89 14.62 2.20 1.21
CA ILE A 89 14.37 3.52 1.77
C ILE A 89 13.81 4.44 0.70
N VAL A 90 13.28 5.57 1.14
CA VAL A 90 12.74 6.60 0.27
C VAL A 90 13.40 7.93 0.58
N CYS A 91 13.85 8.61 -0.47
CA CYS A 91 14.47 9.92 -0.39
C CYS A 91 13.66 10.94 -1.18
N ILE A 92 13.83 12.18 -0.77
CA ILE A 92 13.35 13.35 -1.51
C ILE A 92 14.59 13.90 -2.22
N ALA A 93 14.42 14.35 -3.43
CA ALA A 93 15.51 14.90 -4.23
C ALA A 93 14.98 16.08 -5.01
N THR A 94 15.88 16.96 -5.43
CA THR A 94 15.50 18.17 -6.14
C THR A 94 16.01 18.03 -7.56
N VAL A 95 15.11 18.23 -8.53
CA VAL A 95 15.51 18.21 -9.93
C VAL A 95 16.29 19.49 -10.21
N ARG A 96 17.56 19.34 -10.58
CA ARG A 96 18.44 20.50 -10.68
C ARG A 96 17.89 21.56 -11.61
N SER A 97 17.44 21.14 -12.80
CA SER A 97 17.10 22.10 -13.86
C SER A 97 15.90 22.94 -13.47
N SER A 98 14.95 22.35 -12.74
CA SER A 98 13.63 22.92 -12.49
C SER A 98 13.38 23.30 -11.04
N GLY A 99 14.09 22.70 -10.09
CA GLY A 99 13.78 22.92 -8.70
C GLY A 99 12.62 22.10 -8.17
N LYS A 100 11.97 21.31 -9.01
CA LYS A 100 10.88 20.44 -8.55
C LYS A 100 11.44 19.33 -7.65
N LEU A 101 10.60 18.77 -6.81
CA LEU A 101 10.95 17.66 -5.93
C LEU A 101 10.39 16.34 -6.47
N VAL A 102 11.23 15.31 -6.42
CA VAL A 102 10.80 13.95 -6.76
C VAL A 102 11.12 13.06 -5.56
N ALA A 103 10.58 11.85 -5.62
CA ALA A 103 10.90 10.83 -4.62
C ALA A 103 11.76 9.76 -5.29
N VAL A 104 12.67 9.17 -4.51
CA VAL A 104 13.56 8.15 -5.01
C VAL A 104 13.52 6.98 -4.04
N LYS A 105 12.92 5.87 -4.46
CA LYS A 105 12.98 4.65 -3.69
C LYS A 105 14.29 3.95 -4.03
N LYS A 106 15.13 3.70 -3.02
CA LYS A 106 16.39 2.99 -3.20
C LYS A 106 16.31 1.62 -2.54
N MET A 107 16.62 0.56 -3.30
CA MET A 107 16.46 -0.81 -2.83
C MET A 107 17.74 -1.59 -3.09
N ASP A 108 18.41 -2.03 -2.02
CA ASP A 108 19.65 -2.81 -2.15
C ASP A 108 19.33 -4.24 -2.56
N LEU A 109 19.90 -4.66 -3.69
CA LEU A 109 19.68 -6.01 -4.18
C LEU A 109 20.07 -7.06 -3.14
N ARG A 110 21.10 -6.77 -2.34
CA ARG A 110 21.61 -7.75 -1.37
C ARG A 110 20.74 -7.90 -0.14
N LYS A 111 19.91 -6.90 0.17
CA LYS A 111 19.06 -6.94 1.36
C LYS A 111 17.69 -7.55 1.10
N GLN A 112 17.42 -7.95 -0.12
CA GLN A 112 16.09 -8.50 -0.43
C GLN A 112 16.02 -9.96 0.00
N GLN A 113 14.95 -10.34 0.53
CA GLN A 113 14.62 -11.71 0.94
C GLN A 113 14.30 -12.52 -0.33
N ARG A 114 13.56 -11.86 -1.25
CA ARG A 114 13.17 -12.44 -2.55
C ARG A 114 13.54 -11.40 -3.60
N ARG A 115 14.75 -11.47 -4.11
CA ARG A 115 15.25 -10.45 -5.04
C ARG A 115 14.30 -10.26 -6.21
N GLU A 116 13.67 -11.35 -6.66
CA GLU A 116 12.86 -11.29 -7.88
C GLU A 116 11.61 -10.43 -7.71
N LEU A 117 11.22 -10.08 -6.49
CA LEU A 117 10.10 -9.17 -6.37
C LEU A 117 10.44 -7.77 -6.85
N LEU A 118 11.73 -7.39 -6.86
CA LEU A 118 12.06 -6.07 -7.36
C LEU A 118 11.56 -5.81 -8.77
N PHE A 119 11.32 -6.88 -9.56
CA PHE A 119 10.77 -6.70 -10.90
C PHE A 119 9.36 -6.15 -10.87
N ASN A 120 8.61 -6.42 -9.79
CA ASN A 120 7.29 -5.83 -9.59
C ASN A 120 7.33 -4.32 -9.77
N GLU A 121 8.37 -3.67 -9.25
CA GLU A 121 8.47 -2.23 -9.40
C GLU A 121 8.52 -1.85 -10.89
N VAL A 122 9.23 -2.63 -11.71
CA VAL A 122 9.30 -2.31 -13.13
C VAL A 122 7.99 -2.69 -13.83
N VAL A 123 7.40 -3.83 -13.48
CA VAL A 123 6.15 -4.29 -14.09
C VAL A 123 5.02 -3.29 -13.86
N ILE A 124 4.96 -2.69 -12.67
CA ILE A 124 3.86 -1.77 -12.37
C ILE A 124 4.07 -0.45 -13.09
N MET A 125 5.29 0.08 -13.01
CA MET A 125 5.67 1.30 -13.72
C MET A 125 5.32 1.21 -15.20
N ARG A 126 5.69 0.11 -15.83
CA ARG A 126 5.51 0.04 -17.30
C ARG A 126 4.06 -0.12 -17.76
N ASP A 127 3.20 -0.67 -16.92
CA ASP A 127 1.89 -1.07 -17.46
C ASP A 127 0.66 -0.71 -16.64
N TYR A 128 0.77 -0.15 -15.44
CA TYR A 128 -0.46 0.09 -14.66
C TYR A 128 -0.53 1.45 -13.95
N GLN A 129 -0.35 2.56 -14.67
CA GLN A 129 -0.54 3.91 -14.12
C GLN A 129 -2.03 4.17 -13.88
N HIS A 130 -2.33 5.13 -13.00
CA HIS A 130 -3.71 5.41 -12.58
C HIS A 130 -3.74 6.66 -11.70
N GLU A 131 -4.93 7.26 -11.60
CA GLU A 131 -5.14 8.52 -10.88
C GLU A 131 -4.75 8.39 -9.41
N ASN A 132 -5.13 7.28 -8.78
CA ASN A 132 -4.90 7.04 -7.36
C ASN A 132 -3.76 6.06 -7.13
N VAL A 133 -2.81 6.00 -8.06
CA VAL A 133 -1.61 5.19 -7.91
C VAL A 133 -0.40 6.10 -8.11
N VAL A 134 0.53 6.05 -7.17
CA VAL A 134 1.73 6.87 -7.27
C VAL A 134 2.40 6.62 -8.62
N GLU A 135 2.75 7.69 -9.31
CA GLU A 135 3.35 7.52 -10.62
C GLU A 135 4.84 7.30 -10.51
N MET A 136 5.34 6.32 -11.25
CA MET A 136 6.76 6.00 -11.31
C MET A 136 7.28 6.49 -12.65
N TYR A 137 8.37 7.26 -12.62
CA TYR A 137 8.93 7.89 -13.82
C TYR A 137 10.03 7.06 -14.49
N ASN A 138 11.01 6.58 -13.72
CA ASN A 138 12.18 5.95 -14.32
C ASN A 138 12.84 5.06 -13.28
N SER A 139 13.50 4.02 -13.76
CA SER A 139 14.25 3.12 -12.90
C SER A 139 15.71 3.11 -13.34
N TYR A 140 16.61 2.91 -12.37
CA TYR A 140 18.03 2.90 -12.65
C TYR A 140 18.72 1.83 -11.80
N LEU A 141 19.82 1.29 -12.33
CA LEU A 141 20.72 0.48 -11.53
C LEU A 141 21.86 1.38 -11.10
N VAL A 142 22.01 1.57 -9.80
CA VAL A 142 23.04 2.44 -9.24
C VAL A 142 23.89 1.58 -8.31
N GLY A 143 25.03 1.11 -8.81
CA GLY A 143 25.86 0.21 -8.02
C GLY A 143 25.10 -1.07 -7.68
N ASP A 144 24.88 -1.28 -6.40
CA ASP A 144 24.18 -2.47 -5.91
C ASP A 144 22.72 -2.18 -5.62
N GLU A 145 22.22 -1.02 -6.01
CA GLU A 145 20.88 -0.60 -5.64
C GLU A 145 20.03 -0.33 -6.87
N LEU A 146 18.77 -0.72 -6.78
CA LEU A 146 17.75 -0.32 -7.75
C LEU A 146 17.14 0.98 -7.24
N TRP A 147 17.16 2.01 -8.08
CA TRP A 147 16.56 3.31 -7.75
C TRP A 147 15.35 3.54 -8.64
N VAL A 148 14.23 3.89 -8.02
CA VAL A 148 13.05 4.28 -8.77
C VAL A 148 12.75 5.74 -8.46
N VAL A 149 12.82 6.58 -9.50
CA VAL A 149 12.45 7.98 -9.40
C VAL A 149 10.94 8.05 -9.63
N MET A 150 10.22 8.54 -8.63
CA MET A 150 8.77 8.55 -8.72
C MET A 150 8.21 9.84 -8.16
N GLU A 151 6.91 9.97 -8.32
CA GLU A 151 6.13 11.08 -7.81
C GLU A 151 6.38 11.29 -6.32
N PHE A 152 6.54 12.54 -5.91
CA PHE A 152 6.66 12.86 -4.48
C PHE A 152 5.29 13.20 -3.91
N LEU A 153 4.84 12.38 -2.96
CA LEU A 153 3.56 12.57 -2.29
C LEU A 153 3.83 13.37 -1.00
N GLU A 154 3.82 14.70 -1.11
CA GLU A 154 4.42 15.53 -0.07
C GLU A 154 3.62 15.57 1.22
N GLY A 155 2.33 15.19 1.20
CA GLY A 155 1.56 15.09 2.42
C GLY A 155 1.80 13.86 3.27
N GLY A 156 2.72 12.99 2.87
CA GLY A 156 3.08 11.89 3.72
C GLY A 156 2.10 10.74 3.67
N ALA A 157 2.30 9.83 4.61
CA ALA A 157 1.56 8.59 4.69
C ALA A 157 0.35 8.73 5.60
N LEU A 158 -0.67 7.91 5.32
CA LEU A 158 -1.85 7.87 6.15
C LEU A 158 -1.52 7.49 7.60
N THR A 159 -0.46 6.68 7.78
CA THR A 159 -0.11 6.21 9.11
C THR A 159 0.09 7.37 10.07
N ASP A 160 0.79 8.42 9.62
CA ASP A 160 1.03 9.55 10.51
C ASP A 160 -0.27 10.20 10.93
N ILE A 161 -1.33 10.05 10.13
CA ILE A 161 -2.62 10.63 10.50
C ILE A 161 -3.35 9.74 11.49
N VAL A 162 -3.45 8.44 11.21
CA VAL A 162 -4.25 7.59 12.07
C VAL A 162 -3.63 7.39 13.44
N THR A 163 -2.32 7.63 13.57
CA THR A 163 -1.65 7.49 14.85
C THR A 163 -1.64 8.77 15.68
N HIS A 164 -2.08 9.91 15.13
CA HIS A 164 -2.05 11.18 15.84
C HIS A 164 -3.36 11.93 15.86
N THR A 165 -4.35 11.55 15.06
CA THR A 165 -5.61 12.29 15.13
C THR A 165 -6.78 11.35 14.83
N ARG A 166 -7.98 11.88 15.01
CA ARG A 166 -9.21 11.15 14.75
C ARG A 166 -9.74 11.55 13.39
N MET A 167 -10.02 10.56 12.55
CA MET A 167 -10.71 10.79 11.30
C MET A 167 -12.21 10.68 11.52
N ASN A 168 -12.97 11.63 10.96
CA ASN A 168 -14.41 11.46 10.89
C ASN A 168 -14.76 10.60 9.68
N GLU A 169 -16.04 10.25 9.53
CA GLU A 169 -16.42 9.29 8.50
C GLU A 169 -16.39 9.88 7.10
N GLU A 170 -16.55 11.20 6.97
CA GLU A 170 -16.37 11.85 5.69
C GLU A 170 -14.95 11.67 5.17
N GLN A 171 -13.96 11.77 6.07
CA GLN A 171 -12.57 11.53 5.69
C GLN A 171 -12.29 10.05 5.45
N ILE A 172 -12.82 9.17 6.32
CA ILE A 172 -12.62 7.73 6.14
C ILE A 172 -13.24 7.27 4.82
N ALA A 173 -14.48 7.70 4.56
CA ALA A 173 -15.13 7.32 3.32
C ALA A 173 -14.36 7.84 2.11
N ALA A 174 -13.76 9.02 2.22
CA ALA A 174 -12.98 9.55 1.11
C ALA A 174 -11.72 8.71 0.87
N VAL A 175 -11.06 8.28 1.94
CA VAL A 175 -9.91 7.40 1.78
C VAL A 175 -10.34 6.08 1.12
N CYS A 176 -11.40 5.47 1.65
CA CYS A 176 -11.84 4.16 1.15
C CYS A 176 -12.26 4.24 -0.30
N LEU A 177 -13.01 5.27 -0.67
CA LEU A 177 -13.41 5.46 -2.05
C LEU A 177 -12.20 5.54 -2.96
N ALA A 178 -11.22 6.37 -2.59
CA ALA A 178 -10.03 6.53 -3.42
C ALA A 178 -9.26 5.21 -3.51
N VAL A 179 -9.10 4.49 -2.39
CA VAL A 179 -8.37 3.23 -2.45
C VAL A 179 -9.14 2.20 -3.25
N LEU A 180 -10.48 2.21 -3.16
CA LEU A 180 -11.26 1.23 -3.90
C LEU A 180 -11.25 1.51 -5.40
N GLN A 181 -11.18 2.78 -5.81
CA GLN A 181 -11.05 3.07 -7.23
C GLN A 181 -9.74 2.51 -7.79
N ALA A 182 -8.64 2.68 -7.04
CA ALA A 182 -7.38 2.09 -7.44
C ALA A 182 -7.51 0.56 -7.53
N LEU A 183 -8.03 -0.08 -6.49
CA LEU A 183 -8.06 -1.54 -6.45
C LEU A 183 -9.01 -2.11 -7.50
N SER A 184 -10.12 -1.43 -7.79
CA SER A 184 -11.04 -1.98 -8.79
C SER A 184 -10.37 -2.07 -10.16
N VAL A 185 -9.47 -1.14 -10.46
CA VAL A 185 -8.78 -1.16 -11.75
C VAL A 185 -7.61 -2.15 -11.71
N LEU A 186 -6.91 -2.20 -10.59
CA LEU A 186 -5.80 -3.16 -10.46
C LEU A 186 -6.31 -4.58 -10.52
N HIS A 187 -7.34 -4.87 -9.70
CA HIS A 187 -7.91 -6.21 -9.68
C HIS A 187 -8.45 -6.61 -11.04
N ALA A 188 -9.08 -5.68 -11.72
CA ALA A 188 -9.68 -5.99 -13.04
C ALA A 188 -8.59 -6.44 -14.01
N GLN A 189 -7.36 -5.99 -13.83
CA GLN A 189 -6.30 -6.38 -14.77
C GLN A 189 -5.41 -7.44 -14.17
N GLY A 190 -5.86 -8.09 -13.13
CA GLY A 190 -5.16 -9.21 -12.54
C GLY A 190 -4.12 -8.89 -11.48
N VAL A 191 -4.04 -7.65 -11.01
CA VAL A 191 -2.94 -7.24 -10.12
C VAL A 191 -3.45 -7.18 -8.69
N ILE A 192 -2.77 -7.92 -7.80
CA ILE A 192 -3.03 -7.91 -6.37
C ILE A 192 -1.91 -7.13 -5.68
N HIS A 193 -2.28 -6.21 -4.78
CA HIS A 193 -1.27 -5.37 -4.11
C HIS A 193 -0.52 -6.16 -3.03
N ARG A 194 -1.27 -6.79 -2.12
CA ARG A 194 -0.81 -7.74 -1.09
C ARG A 194 -0.13 -7.05 0.08
N ASP A 195 -0.12 -5.75 0.10
CA ASP A 195 0.46 -5.04 1.26
C ASP A 195 -0.35 -3.78 1.57
N ILE A 196 -1.66 -3.88 1.54
CA ILE A 196 -2.52 -2.75 1.89
C ILE A 196 -2.46 -2.52 3.39
N LYS A 197 -2.15 -1.28 3.79
CA LYS A 197 -2.09 -0.81 5.17
C LYS A 197 -1.92 0.70 5.09
N SER A 198 -2.12 1.40 6.21
CA SER A 198 -2.04 2.87 6.16
C SER A 198 -0.66 3.34 5.68
N ASP A 199 0.42 2.61 5.99
CA ASP A 199 1.76 2.97 5.52
C ASP A 199 1.85 2.99 3.99
N SER A 200 0.94 2.30 3.31
CA SER A 200 0.99 2.20 1.86
C SER A 200 0.10 3.22 1.15
N ILE A 201 -0.53 4.11 1.90
CA ILE A 201 -1.44 5.12 1.35
C ILE A 201 -0.78 6.48 1.50
N LEU A 202 -0.49 7.13 0.38
CA LEU A 202 0.20 8.40 0.38
C LEU A 202 -0.78 9.51 0.01
N LEU A 203 -0.46 10.73 0.46
CA LEU A 203 -1.33 11.89 0.32
C LEU A 203 -0.57 13.03 -0.35
N THR A 204 -1.25 13.73 -1.27
CA THR A 204 -0.79 15.03 -1.75
C THR A 204 -1.05 16.12 -0.70
N HIS A 205 -0.41 17.26 -0.90
CA HIS A 205 -0.64 18.42 -0.01
C HIS A 205 -2.11 18.83 -0.10
N ASP A 206 -2.78 18.52 -1.20
CA ASP A 206 -4.19 18.95 -1.35
C ASP A 206 -5.15 17.83 -0.99
N GLY A 207 -4.68 16.77 -0.34
CA GLY A 207 -5.57 15.71 0.14
C GLY A 207 -5.88 14.62 -0.86
N ARG A 208 -5.22 14.61 -2.01
CA ARG A 208 -5.45 13.51 -2.96
C ARG A 208 -4.82 12.23 -2.39
N VAL A 209 -5.45 11.09 -2.60
CA VAL A 209 -4.98 9.83 -1.97
C VAL A 209 -4.45 8.88 -3.03
N LYS A 210 -3.28 8.32 -2.80
CA LYS A 210 -2.69 7.41 -3.80
C LYS A 210 -2.06 6.18 -3.14
N LEU A 211 -2.16 5.08 -3.86
CA LEU A 211 -1.61 3.78 -3.49
C LEU A 211 -0.13 3.71 -3.86
N SER A 212 0.68 3.23 -2.91
CA SER A 212 2.12 3.13 -3.08
C SER A 212 2.59 1.73 -2.66
N ASP A 213 3.89 1.55 -2.71
CA ASP A 213 4.64 0.34 -2.27
C ASP A 213 4.10 -0.94 -2.90
N PHE A 214 4.39 -1.12 -4.17
CA PHE A 214 3.98 -2.30 -4.92
C PHE A 214 5.05 -3.40 -4.92
N GLY A 215 6.07 -3.29 -4.04
CA GLY A 215 7.17 -4.25 -4.07
C GLY A 215 6.76 -5.69 -3.81
N PHE A 216 5.56 -5.92 -3.29
CA PHE A 216 5.06 -7.25 -2.99
C PHE A 216 3.88 -7.67 -3.86
N CYS A 217 3.58 -6.94 -4.93
CA CYS A 217 2.36 -7.31 -5.63
C CYS A 217 2.60 -8.61 -6.42
N ALA A 218 1.51 -9.12 -7.00
CA ALA A 218 1.55 -10.29 -7.88
C ALA A 218 0.41 -10.18 -8.88
N GLN A 219 0.56 -10.91 -9.98
CA GLN A 219 -0.45 -10.97 -11.03
C GLN A 219 -1.14 -12.33 -11.01
N VAL A 220 -2.45 -12.32 -11.27
CA VAL A 220 -3.21 -13.53 -11.57
C VAL A 220 -3.82 -13.39 -12.97
N SER A 221 -4.24 -14.53 -13.52
CA SER A 221 -4.75 -14.61 -14.87
C SER A 221 -5.45 -15.96 -15.00
N LYS A 222 -6.01 -16.23 -16.19
CA LYS A 222 -6.69 -17.50 -16.36
C LYS A 222 -5.73 -18.68 -16.16
N GLU A 223 -4.46 -18.51 -16.56
CA GLU A 223 -3.48 -19.57 -16.40
C GLU A 223 -2.93 -19.67 -14.98
N VAL A 224 -2.96 -18.58 -14.22
CA VAL A 224 -2.50 -18.52 -12.84
C VAL A 224 -3.58 -17.83 -12.01
N PRO A 225 -4.71 -18.49 -11.69
CA PRO A 225 -5.82 -17.75 -11.09
C PRO A 225 -5.62 -17.42 -9.62
N ARG A 226 -4.72 -18.11 -8.92
CA ARG A 226 -4.47 -17.85 -7.51
C ARG A 226 -2.97 -17.74 -7.27
N ARG A 227 -2.61 -16.98 -6.24
CA ARG A 227 -1.26 -16.92 -5.72
C ARG A 227 -1.20 -17.74 -4.43
N LYS A 228 0.01 -18.17 -4.06
CA LYS A 228 0.15 -18.95 -2.82
C LYS A 228 1.17 -18.37 -1.83
N LEU A 230 3.35 -16.45 0.98
CA LEU A 230 3.14 -15.78 2.28
C LEU A 230 3.78 -14.40 2.22
N VAL A 231 2.96 -13.37 2.02
CA VAL A 231 3.44 -12.02 1.73
C VAL A 231 2.49 -11.01 2.38
N GLY A 232 3.05 -9.92 2.91
CA GLY A 232 2.25 -8.89 3.53
C GLY A 232 2.84 -8.47 4.86
N THR A 233 2.02 -7.82 5.68
CA THR A 233 2.40 -7.40 7.01
C THR A 233 1.48 -8.08 8.01
N PRO A 234 2.03 -8.76 9.02
CA PRO A 234 1.22 -9.67 9.86
C PRO A 234 -0.20 -9.23 10.22
N TYR A 235 -0.33 -8.10 10.92
CA TYR A 235 -1.63 -7.68 11.44
C TYR A 235 -2.65 -7.41 10.32
N TRP A 236 -2.19 -7.16 9.09
CA TRP A 236 -3.09 -6.84 7.99
C TRP A 236 -3.40 -8.02 7.06
N MET A 237 -2.86 -9.22 7.32
CA MET A 237 -2.97 -10.29 6.34
C MET A 237 -4.34 -10.97 6.37
N ALA A 238 -4.86 -11.31 5.19
CA ALA A 238 -6.12 -12.04 5.10
C ALA A 238 -6.01 -13.43 5.73
N PRO A 239 -7.11 -13.97 6.26
CA PRO A 239 -7.05 -15.31 6.90
C PRO A 239 -6.65 -16.41 5.94
N GLU A 240 -7.22 -16.43 4.72
CA GLU A 240 -6.87 -17.47 3.74
C GLU A 240 -5.39 -17.40 3.37
N LEU A 241 -4.79 -16.22 3.47
CA LEU A 241 -3.37 -16.08 3.17
C LEU A 241 -2.52 -16.69 4.28
N ILE A 242 -2.85 -16.36 5.53
CA ILE A 242 -2.13 -16.95 6.66
C ILE A 242 -2.34 -18.45 6.69
N SER A 243 -3.48 -18.92 6.19
CA SER A 243 -3.79 -20.33 6.16
C SER A 243 -3.09 -21.04 5.02
N ARG A 244 -2.31 -20.32 4.21
CA ARG A 244 -1.62 -20.90 3.06
C ARG A 244 -2.62 -21.50 2.07
N LEU A 245 -3.73 -20.86 1.92
CA LEU A 245 -4.61 -21.30 0.87
C LEU A 245 -4.33 -20.50 -0.40
N PRO A 246 -4.63 -21.04 -1.58
CA PRO A 246 -4.55 -20.21 -2.79
C PRO A 246 -5.57 -19.09 -2.69
N TYR A 247 -5.15 -17.88 -3.06
CA TYR A 247 -5.97 -16.70 -2.83
C TYR A 247 -5.87 -15.78 -4.03
N GLY A 248 -6.81 -14.86 -4.11
CA GLY A 248 -6.81 -13.86 -5.16
C GLY A 248 -6.92 -12.44 -4.64
N PRO A 249 -7.52 -11.57 -5.45
CA PRO A 249 -7.61 -10.15 -5.08
C PRO A 249 -8.36 -9.89 -3.77
N GLU A 250 -9.17 -10.85 -3.31
CA GLU A 250 -9.93 -10.67 -2.07
C GLU A 250 -9.03 -10.32 -0.89
N VAL A 251 -7.77 -10.77 -0.89
CA VAL A 251 -6.91 -10.50 0.27
C VAL A 251 -6.67 -9.00 0.40
N ASP A 252 -6.67 -8.25 -0.71
CA ASP A 252 -6.58 -6.79 -0.63
C ASP A 252 -7.81 -6.21 0.07
N ILE A 253 -9.00 -6.76 -0.22
CA ILE A 253 -10.21 -6.26 0.41
C ILE A 253 -10.18 -6.47 1.93
N TRP A 254 -9.74 -7.65 2.39
CA TRP A 254 -9.56 -7.88 3.83
C TRP A 254 -8.59 -6.85 4.44
N SER A 255 -7.44 -6.67 3.79
CA SER A 255 -6.43 -5.76 4.28
C SER A 255 -6.97 -4.33 4.38
N LEU A 256 -7.84 -3.93 3.47
CA LEU A 256 -8.48 -2.63 3.56
C LEU A 256 -9.39 -2.54 4.78
N GLY A 257 -10.18 -3.59 5.04
CA GLY A 257 -10.92 -3.66 6.28
C GLY A 257 -10.05 -3.39 7.50
N ILE A 258 -8.91 -4.07 7.59
CA ILE A 258 -8.02 -3.83 8.72
C ILE A 258 -7.63 -2.36 8.77
N MET A 259 -7.32 -1.78 7.61
CA MET A 259 -6.99 -0.36 7.53
C MET A 259 -8.17 0.53 7.93
N VAL A 260 -9.40 0.13 7.64
CA VAL A 260 -10.54 0.88 8.19
C VAL A 260 -10.48 0.90 9.71
N ILE A 261 -10.17 -0.25 10.33
CA ILE A 261 -10.01 -0.33 11.78
C ILE A 261 -8.87 0.56 12.25
N GLU A 262 -7.79 0.63 11.47
CA GLU A 262 -6.72 1.60 11.80
C GLU A 262 -7.29 3.00 11.92
N MET A 263 -8.11 3.40 10.94
CA MET A 263 -8.60 4.78 10.88
C MET A 263 -9.58 5.06 12.01
N VAL A 264 -10.29 4.02 12.47
CA VAL A 264 -11.20 4.17 13.58
C VAL A 264 -10.49 4.02 14.93
N ASP A 265 -9.68 2.97 15.10
CA ASP A 265 -9.05 2.66 16.39
C ASP A 265 -7.64 3.25 16.52
N GLY A 266 -7.01 3.66 15.41
CA GLY A 266 -5.64 4.12 15.46
C GLY A 266 -4.60 3.02 15.25
N GLU A 267 -4.98 1.76 15.44
CA GLU A 267 -4.08 0.63 15.24
C GLU A 267 -4.87 -0.58 14.76
N PRO A 268 -4.22 -1.53 14.11
CA PRO A 268 -4.93 -2.75 13.69
C PRO A 268 -5.19 -3.63 14.90
N PRO A 269 -6.07 -4.61 14.78
CA PRO A 269 -6.33 -5.52 15.91
C PRO A 269 -5.08 -6.31 16.30
N TYR A 270 -5.06 -6.77 17.55
CA TYR A 270 -3.99 -7.61 18.08
C TYR A 270 -2.62 -6.97 17.93
N PHE A 271 -2.59 -5.66 17.83
CA PHE A 271 -1.31 -4.96 17.60
C PHE A 271 -0.39 -5.05 18.81
N ASN A 272 -0.95 -5.37 19.96
CA ASN A 272 -0.12 -5.45 21.18
C ASN A 272 0.51 -6.85 21.27
N GLU A 273 0.01 -7.78 20.49
CA GLU A 273 0.50 -9.15 20.50
C GLU A 273 1.66 -9.28 19.52
N PRO A 274 2.56 -10.24 19.74
CA PRO A 274 3.65 -10.43 18.79
C PRO A 274 3.11 -10.82 17.44
N PRO A 275 3.82 -10.50 16.36
CA PRO A 275 3.25 -10.70 15.01
C PRO A 275 2.74 -12.12 14.74
N LEU A 276 3.49 -13.15 15.13
CA LEU A 276 3.05 -14.51 14.87
C LEU A 276 1.78 -14.86 15.66
N LYS A 277 1.66 -14.37 16.90
CA LYS A 277 0.45 -14.63 17.67
C LYS A 277 -0.75 -13.96 17.04
N ALA A 278 -0.57 -12.73 16.56
CA ALA A 278 -1.64 -12.04 15.87
C ALA A 278 -2.09 -12.82 14.63
N MET A 279 -1.13 -13.36 13.88
CA MET A 279 -1.51 -14.12 12.69
C MET A 279 -2.33 -15.36 13.05
N LYS A 280 -1.95 -16.06 14.12
CA LYS A 280 -2.74 -17.23 14.51
C LYS A 280 -4.14 -16.83 14.92
N MET A 281 -4.29 -15.67 15.56
CA MET A 281 -5.61 -15.21 15.97
C MET A 281 -6.45 -14.77 14.78
N ILE A 282 -5.81 -14.17 13.77
CA ILE A 282 -6.53 -13.87 12.52
C ILE A 282 -6.96 -15.14 11.84
N ARG A 283 -6.10 -16.16 11.87
CA ARG A 283 -6.37 -17.42 11.18
C ARG A 283 -7.57 -18.14 11.80
N ASP A 284 -7.55 -18.31 13.13
CA ASP A 284 -8.48 -19.19 13.83
C ASP A 284 -9.69 -18.47 14.42
N ASN A 285 -9.55 -17.22 14.83
CA ASN A 285 -10.65 -16.54 15.49
C ASN A 285 -11.60 -15.91 14.49
N LEU A 286 -12.74 -15.47 15.02
CA LEU A 286 -13.71 -14.75 14.22
C LEU A 286 -13.13 -13.41 13.81
N PRO A 287 -13.73 -12.74 12.82
CA PRO A 287 -13.19 -11.46 12.33
C PRO A 287 -12.94 -10.50 13.48
N PRO A 288 -11.85 -9.76 13.43
CA PRO A 288 -11.53 -8.85 14.54
C PRO A 288 -12.53 -7.71 14.58
N ARG A 289 -12.87 -7.34 15.80
CA ARG A 289 -13.88 -6.30 16.05
C ARG A 289 -13.24 -4.97 16.38
N LEU A 290 -13.97 -3.92 16.10
CA LEU A 290 -13.53 -2.57 16.44
C LEU A 290 -13.49 -2.46 17.97
N LYS A 291 -12.54 -1.74 18.49
CA LYS A 291 -12.49 -1.54 19.95
C LYS A 291 -13.54 -0.50 20.31
N ASN A 292 -13.84 0.40 19.38
CA ASN A 292 -14.83 1.47 19.60
C ASN A 292 -16.04 1.30 18.67
N LEU A 293 -16.79 0.22 18.78
CA LEU A 293 -17.97 0.06 17.92
C LEU A 293 -18.98 1.18 18.17
N HIS A 294 -18.99 1.78 19.36
CA HIS A 294 -19.95 2.85 19.59
C HIS A 294 -19.62 4.12 18.83
N LYS A 295 -18.50 4.16 18.12
CA LYS A 295 -18.01 5.36 17.46
C LYS A 295 -18.11 5.28 15.94
N VAL A 296 -18.77 4.28 15.39
CA VAL A 296 -18.93 4.17 13.95
C VAL A 296 -20.41 4.19 13.61
N SER A 297 -20.77 4.90 12.56
CA SER A 297 -22.14 4.90 12.12
C SER A 297 -22.52 3.50 11.61
N PRO A 298 -23.78 3.11 11.76
CA PRO A 298 -24.21 1.82 11.21
C PRO A 298 -23.86 1.65 9.74
N SER A 299 -23.85 2.76 8.99
CA SER A 299 -23.35 2.74 7.62
C SER A 299 -21.90 2.25 7.56
N LEU A 300 -21.03 2.74 8.46
CA LEU A 300 -19.63 2.30 8.42
C LEU A 300 -19.50 0.84 8.85
N LYS A 301 -20.21 0.44 9.91
CA LYS A 301 -20.17 -0.96 10.35
C LYS A 301 -20.64 -1.91 9.25
N GLY A 302 -21.71 -1.55 8.54
CA GLY A 302 -22.19 -2.41 7.47
C GLY A 302 -21.21 -2.52 6.31
N PHE A 303 -20.56 -1.41 5.97
CA PHE A 303 -19.45 -1.43 5.02
C PHE A 303 -18.35 -2.38 5.48
N LEU A 304 -17.87 -2.17 6.72
CA LEU A 304 -16.77 -2.97 7.26
C LEU A 304 -17.13 -4.46 7.27
N ASP A 305 -18.41 -4.79 7.46
CA ASP A 305 -18.84 -6.19 7.49
C ASP A 305 -18.71 -6.86 6.13
N ARG A 306 -18.81 -6.10 5.03
CA ARG A 306 -18.58 -6.69 3.70
C ARG A 306 -17.09 -6.85 3.39
N LEU A 307 -16.24 -6.22 4.20
CA LEU A 307 -14.79 -6.23 4.04
C LEU A 307 -14.17 -7.39 4.81
N LEU A 308 -14.44 -7.47 6.12
CA LEU A 308 -13.82 -8.48 6.97
C LEU A 308 -14.66 -9.75 7.03
N VAL A 309 -14.82 -10.38 5.86
CA VAL A 309 -15.49 -11.68 5.74
C VAL A 309 -14.43 -12.75 5.60
N ARG A 310 -14.54 -13.80 6.42
CA ARG A 310 -13.52 -14.84 6.46
C ARG A 310 -13.52 -15.65 5.17
N ASP A 311 -14.69 -16.07 4.72
CA ASP A 311 -14.87 -16.73 3.42
C ASP A 311 -14.59 -15.73 2.30
N PRO A 312 -13.49 -15.85 1.55
CA PRO A 312 -13.20 -14.85 0.50
C PRO A 312 -14.24 -14.82 -0.61
N ALA A 313 -14.96 -15.92 -0.85
CA ALA A 313 -16.05 -15.89 -1.82
C ALA A 313 -17.16 -14.96 -1.37
N GLN A 314 -17.35 -14.79 -0.07
CA GLN A 314 -18.40 -13.93 0.46
C GLN A 314 -17.96 -12.48 0.63
N ARG A 315 -16.65 -12.25 0.71
CA ARG A 315 -16.14 -10.90 0.76
C ARG A 315 -16.58 -10.11 -0.45
N ALA A 316 -16.93 -8.85 -0.24
CA ALA A 316 -17.28 -7.97 -1.34
C ALA A 316 -16.05 -7.67 -2.17
N THR A 317 -16.25 -7.47 -3.46
CA THR A 317 -15.14 -7.11 -4.34
C THR A 317 -15.00 -5.58 -4.39
N ALA A 318 -13.86 -5.13 -4.92
CA ALA A 318 -13.68 -3.68 -5.09
C ALA A 318 -14.81 -3.08 -5.92
N ALA A 319 -15.17 -3.76 -7.01
CA ALA A 319 -16.23 -3.28 -7.90
C ALA A 319 -17.57 -3.12 -7.16
N GLU A 320 -17.91 -4.08 -6.30
CA GLU A 320 -19.16 -4.02 -5.53
C GLU A 320 -19.10 -2.92 -4.47
N LEU A 321 -17.97 -2.80 -3.78
CA LEU A 321 -17.86 -1.85 -2.68
C LEU A 321 -18.02 -0.41 -3.16
N LEU A 322 -17.62 -0.11 -4.40
CA LEU A 322 -17.80 1.24 -4.91
C LEU A 322 -19.26 1.65 -4.92
N LYS A 323 -20.18 0.69 -4.89
CA LYS A 323 -21.61 0.95 -4.85
C LYS A 323 -22.16 1.03 -3.42
N HIS A 324 -21.33 0.86 -2.40
CA HIS A 324 -21.90 0.79 -1.06
C HIS A 324 -22.34 2.18 -0.59
N PRO A 325 -23.46 2.26 0.14
CA PRO A 325 -23.94 3.58 0.60
C PRO A 325 -22.93 4.34 1.45
N PHE A 326 -22.09 3.64 2.25
CA PHE A 326 -21.14 4.35 3.10
C PHE A 326 -20.26 5.30 2.30
N LEU A 327 -19.90 4.93 1.08
CA LEU A 327 -19.02 5.80 0.30
C LEU A 327 -19.72 7.06 -0.18
N ALA A 328 -21.05 7.15 -0.10
CA ALA A 328 -21.71 8.42 -0.38
C ALA A 328 -21.33 9.50 0.62
N LYS A 329 -20.88 9.10 1.81
CA LYS A 329 -20.35 10.04 2.79
C LYS A 329 -19.02 10.65 2.36
N ALA A 330 -18.42 10.20 1.26
CA ALA A 330 -17.05 10.58 0.97
C ALA A 330 -16.94 12.08 0.70
N GLY A 331 -16.05 12.73 1.41
CA GLY A 331 -15.78 14.14 1.18
C GLY A 331 -14.75 14.33 0.09
N PRO A 332 -14.57 15.58 -0.34
CA PRO A 332 -13.55 15.89 -1.35
C PRO A 332 -12.16 15.79 -0.75
N PRO A 333 -11.11 15.81 -1.59
CA PRO A 333 -9.75 15.71 -1.05
C PRO A 333 -9.43 16.83 -0.09
N ALA A 334 -9.98 18.03 -0.34
CA ALA A 334 -9.79 19.15 0.59
C ALA A 334 -10.15 18.77 2.01
N SER A 335 -11.00 17.74 2.21
CA SER A 335 -11.41 17.39 3.56
C SER A 335 -10.33 16.63 4.32
N ILE A 336 -9.36 16.04 3.62
CA ILE A 336 -8.24 15.35 4.26
C ILE A 336 -7.13 16.33 4.68
N VAL A 337 -7.00 17.46 3.98
CA VAL A 337 -5.90 18.41 4.23
C VAL A 337 -5.70 18.74 5.72
N PRO A 338 -6.73 19.11 6.49
CA PRO A 338 -6.47 19.50 7.90
C PRO A 338 -5.93 18.37 8.76
N LEU A 339 -6.01 17.11 8.30
CA LEU A 339 -5.47 15.98 9.04
C LEU A 339 -3.94 15.93 9.00
N MET A 340 -3.31 16.58 8.03
CA MET A 340 -1.89 16.36 7.83
C MET A 340 -1.06 17.16 8.84
N ARG A 341 0.15 16.66 9.08
CA ARG A 341 0.98 17.22 10.14
C ARG A 341 1.18 18.74 9.98
N GLN A 342 1.42 19.21 8.75
CA GLN A 342 1.68 20.63 8.52
C GLN A 342 0.50 21.51 8.86
N ASN A 343 -0.70 20.92 9.01
CA ASN A 343 -1.93 21.67 9.23
C ASN A 343 -2.61 21.36 10.55
N ARG A 344 -2.16 20.35 11.25
CA ARG A 344 -2.78 20.05 12.55
C ARG A 344 -2.23 21.03 13.59
N THR A 345 -2.73 20.92 14.81
CA THR A 345 -2.31 21.71 15.95
C THR A 345 -1.83 20.83 17.11
N LYS B 2 4.83 -4.44 15.31
CA LYS B 2 5.76 -4.00 14.24
C LYS B 2 5.03 -3.86 12.91
N ARG B 3 5.20 -2.71 12.28
CA ARG B 3 4.54 -2.42 11.01
C ARG B 3 5.45 -2.90 9.89
N LEU B 4 6.22 -3.96 10.12
CA LEU B 4 7.18 -4.38 9.07
C LEU B 4 6.65 -5.55 8.24
N SER B 5 6.67 -5.38 6.92
CA SER B 5 6.27 -6.42 5.94
C SER B 5 7.33 -7.53 5.95
N VAL B 6 6.85 -8.76 5.81
CA VAL B 6 7.70 -9.98 5.82
C VAL B 6 8.31 -10.16 4.44
#